data_7AJ6
#
_entry.id   7AJ6
#
_cell.length_a   76.019
_cell.length_b   66.448
_cell.length_c   97.559
_cell.angle_alpha   90.000
_cell.angle_beta   95.923
_cell.angle_gamma   90.000
#
_symmetry.space_group_name_H-M   'C 1 2 1'
#
loop_
_entity.id
_entity.type
_entity.pdbx_description
1 polymer LN02
2 polymer 'LN02 heavy chain'
3 water water
#
loop_
_entity_poly.entity_id
_entity_poly.type
_entity_poly.pdbx_seq_one_letter_code
_entity_poly.pdbx_strand_id
1 'polypeptide(L)'
;YVLGQSSSMSVAPGQTAKISCWGYYMGTKPVNWYQLKPGRAPSLIISYDDERASGTPARFSGSHSGSTATLTISNVVPAD
EADYFCQVWDSKYEEIYFGGGTALTVLGQPKAAPSVTLFPPSSEELQANKATLVCLISDFYPGAVTVAWKADSSPVKAGV
ETTTPSKQSNNKYAASSYLSLTPEQWKSHRSYSCQVTHEGSTVEKTVAP
;
L
2 'polypeptide(L)'
;APLPESGPGVVRPTGTLSLTCTAAYGSISRHFWGWVRQSPQGTLEWIAHMHHLGVKYVNPSLKNRVSISMDTSKNQMSLT
LKTVTATDAAKYHCVRMGARMSDIAFFSFGDWGPGSLVTVSSASTKGPSVFPLAPSSKSTSGGTAALGCLVKDYFPEPVT
VSWNSGALTSGVHTFPAVLQSSGLYSLSSVVTVPSSSLGTQTYICNVNHKPSNTKVDKRVEPK
;
H
#
# COMPACT_ATOMS: atom_id res chain seq x y z
N TYR A 1 9.27 -16.66 16.31
CA TYR A 1 8.82 -16.20 17.62
C TYR A 1 8.29 -14.77 17.53
N VAL A 2 7.07 -14.56 18.04
CA VAL A 2 6.39 -13.28 17.94
C VAL A 2 6.20 -12.73 19.35
N LEU A 3 6.73 -11.53 19.60
CA LEU A 3 6.55 -10.88 20.89
C LEU A 3 5.06 -10.62 21.14
N GLY A 4 4.67 -10.70 22.41
CA GLY A 4 3.34 -10.33 22.77
C GLY A 4 3.15 -8.83 22.73
N GLN A 5 1.92 -8.40 22.47
CA GLN A 5 1.69 -6.98 22.28
C GLN A 5 0.23 -6.67 22.61
N SER A 6 -0.01 -5.44 23.05
CA SER A 6 -1.35 -5.05 23.51
C SER A 6 -2.38 -5.28 22.42
N SER A 7 -3.58 -5.69 22.82
CA SER A 7 -4.71 -5.78 21.91
C SER A 7 -4.96 -4.43 21.26
N SER A 8 -5.50 -4.46 20.04
CA SER A 8 -5.80 -3.21 19.36
C SER A 8 -6.79 -2.39 20.17
N MET A 9 -6.71 -1.07 20.06
CA MET A 9 -7.30 -0.19 21.04
C MET A 9 -7.75 1.12 20.39
N SER A 10 -8.69 1.78 21.08
CA SER A 10 -9.30 3.03 20.64
C SER A 10 -9.12 4.08 21.73
N VAL A 11 -8.56 5.23 21.38
CA VAL A 11 -8.21 6.25 22.36
C VAL A 11 -8.83 7.58 21.92
N ALA A 12 -9.46 8.27 22.87
CA ALA A 12 -10.06 9.56 22.58
C ALA A 12 -8.96 10.62 22.41
N PRO A 13 -9.17 11.59 21.52
CA PRO A 13 -8.13 12.61 21.31
C PRO A 13 -7.83 13.38 22.59
N GLY A 14 -6.57 13.74 22.76
CA GLY A 14 -6.10 14.36 23.98
C GLY A 14 -5.77 13.41 25.11
N GLN A 15 -6.23 12.16 25.05
CA GLN A 15 -5.90 11.18 26.07
C GLN A 15 -4.56 10.52 25.75
N THR A 16 -4.13 9.62 26.64
CA THR A 16 -2.86 8.91 26.50
C THR A 16 -3.11 7.46 26.10
N ALA A 17 -2.38 7.00 25.09
CA ALA A 17 -2.38 5.59 24.71
C ALA A 17 -1.10 4.93 25.19
N LYS A 18 -1.24 3.72 25.74
CA LYS A 18 -0.09 2.91 26.13
C LYS A 18 -0.15 1.60 25.36
N ILE A 19 0.88 1.33 24.57
CA ILE A 19 0.99 0.10 23.80
C ILE A 19 2.18 -0.67 24.36
N SER A 20 1.94 -1.89 24.81
CA SER A 20 2.95 -2.67 25.49
C SER A 20 3.43 -3.84 24.64
N CYS A 21 4.67 -4.23 24.91
CA CYS A 21 5.39 -5.32 24.28
C CYS A 21 5.94 -6.21 25.39
N TRP A 22 5.85 -7.53 25.20
CA TRP A 22 6.38 -8.41 26.24
C TRP A 22 6.68 -9.78 25.64
N GLY A 23 7.33 -10.59 26.47
CA GLY A 23 7.65 -11.96 26.10
C GLY A 23 8.78 -12.51 26.93
N TYR A 24 8.78 -13.82 27.15
CA TYR A 24 9.88 -14.45 27.87
C TYR A 24 11.22 -14.11 27.24
N TYR A 25 11.31 -14.22 25.92
CA TYR A 25 12.57 -14.00 25.22
C TYR A 25 12.81 -12.53 24.88
N MET A 26 12.07 -11.62 25.50
CA MET A 26 12.42 -10.20 25.37
C MET A 26 13.48 -9.84 26.40
N GLY A 27 13.20 -10.12 27.68
CA GLY A 27 14.18 -9.84 28.72
C GLY A 27 14.58 -8.37 28.72
N THR A 28 15.86 -8.13 28.86
CA THR A 28 16.39 -6.78 28.88
C THR A 28 16.77 -6.27 27.48
N LYS A 29 16.47 -7.02 26.43
CA LYS A 29 16.85 -6.62 25.08
C LYS A 29 16.25 -5.26 24.74
N PRO A 30 17.05 -4.29 24.30
CA PRO A 30 16.50 -2.98 23.95
C PRO A 30 15.47 -3.07 22.83
N VAL A 31 14.35 -2.36 23.01
CA VAL A 31 13.16 -2.45 22.16
C VAL A 31 13.12 -1.29 21.19
N ASN A 32 12.87 -1.59 19.91
CA ASN A 32 12.60 -0.59 18.90
C ASN A 32 11.11 -0.59 18.59
N TRP A 33 10.55 0.59 18.27
CA TRP A 33 9.14 0.73 17.93
C TRP A 33 8.98 1.30 16.52
N TYR A 34 8.10 0.68 15.72
CA TYR A 34 7.86 1.08 14.35
C TYR A 34 6.40 1.52 14.18
N GLN A 35 6.19 2.52 13.33
CA GLN A 35 4.85 3.00 12.99
C GLN A 35 4.55 2.66 11.55
N LEU A 36 3.35 2.13 11.30
CA LEU A 36 2.94 1.85 9.94
C LEU A 36 1.61 2.55 9.66
N LYS A 37 1.65 3.52 8.76
CA LYS A 37 0.49 4.26 8.28
C LYS A 37 0.16 3.87 6.85
N PRO A 38 -1.09 4.06 6.41
CA PRO A 38 -1.47 3.68 5.04
C PRO A 38 -0.73 4.53 4.02
N GLY A 39 -0.33 3.88 2.92
CA GLY A 39 0.41 4.54 1.86
C GLY A 39 1.90 4.70 2.12
N ARG A 40 2.36 4.47 3.34
CA ARG A 40 3.75 4.74 3.73
C ARG A 40 4.49 3.45 4.07
N ALA A 41 5.81 3.47 3.88
CA ALA A 41 6.64 2.41 4.42
C ALA A 41 6.73 2.52 5.94
N PRO A 42 7.04 1.43 6.64
CA PRO A 42 7.17 1.50 8.09
C PRO A 42 8.27 2.49 8.45
N SER A 43 8.12 3.13 9.60
CA SER A 43 9.18 4.02 10.06
C SER A 43 9.53 3.73 11.51
N LEU A 44 10.82 3.84 11.80
CA LEU A 44 11.32 3.73 13.16
C LEU A 44 10.96 5.00 13.92
N ILE A 45 10.25 4.88 15.04
CA ILE A 45 9.86 6.05 15.82
C ILE A 45 10.60 6.11 17.15
N ILE A 46 10.84 4.97 17.79
CA ILE A 46 11.59 4.86 19.04
C ILE A 46 12.62 3.75 18.87
N SER A 47 13.87 4.05 19.23
CA SER A 47 14.91 3.03 19.20
C SER A 47 15.55 2.88 20.58
N TYR A 48 16.08 1.67 20.82
CA TYR A 48 16.87 1.33 21.99
C TYR A 48 16.12 1.73 23.27
N ASP A 49 14.89 1.21 23.39
CA ASP A 49 13.97 1.43 24.51
C ASP A 49 13.32 2.81 24.50
N ASP A 50 14.10 3.90 24.36
CA ASP A 50 13.52 5.21 24.66
C ASP A 50 14.09 6.38 23.88
N GLU A 51 14.86 6.16 22.82
CA GLU A 51 15.44 7.25 22.02
C GLU A 51 14.44 7.63 20.93
N ARG A 52 14.03 8.91 20.89
CA ARG A 52 13.16 9.35 19.81
C ARG A 52 13.95 9.48 18.52
N ALA A 53 13.42 8.90 17.43
CA ALA A 53 14.00 9.15 16.12
C ALA A 53 13.67 10.56 15.68
N SER A 54 14.39 11.03 14.66
CA SER A 54 14.04 12.32 14.06
C SER A 54 12.64 12.26 13.48
N GLY A 55 11.86 13.31 13.71
CA GLY A 55 10.48 13.33 13.31
C GLY A 55 9.52 12.82 14.36
N THR A 56 10.01 12.17 15.41
CA THR A 56 9.13 11.65 16.45
C THR A 56 8.85 12.72 17.48
N PRO A 57 7.60 13.11 17.69
CA PRO A 57 7.30 14.18 18.64
C PRO A 57 7.58 13.79 20.09
N ALA A 58 7.82 14.82 20.92
CA ALA A 58 7.96 14.64 22.35
C ALA A 58 6.76 13.91 22.97
N ARG A 59 5.60 13.92 22.29
CA ARG A 59 4.42 13.20 22.76
C ARG A 59 4.67 11.69 22.85
N PHE A 60 5.51 11.17 21.96
CA PHE A 60 5.89 9.76 21.95
C PHE A 60 7.06 9.55 22.90
N SER A 61 6.97 8.50 23.71
CA SER A 61 8.06 8.15 24.61
C SER A 61 8.02 6.65 24.85
N GLY A 62 9.20 6.07 25.10
CA GLY A 62 9.33 4.64 25.30
C GLY A 62 9.92 4.34 26.66
N SER A 63 9.48 3.24 27.25
CA SER A 63 10.06 2.77 28.51
C SER A 63 10.18 1.27 28.44
N HIS A 64 10.89 0.71 29.44
CA HIS A 64 11.17 -0.73 29.47
C HIS A 64 11.49 -1.11 30.90
N SER A 65 10.76 -2.09 31.43
CA SER A 65 10.97 -2.54 32.81
C SER A 65 10.71 -4.04 32.87
N GLY A 66 11.71 -4.82 33.27
CA GLY A 66 11.57 -6.26 33.21
C GLY A 66 11.45 -6.73 31.78
N SER A 67 10.62 -7.75 31.56
CA SER A 67 10.37 -8.24 30.20
C SER A 67 9.14 -7.60 29.59
N THR A 68 8.87 -6.35 29.94
CA THR A 68 7.81 -5.53 29.36
C THR A 68 8.41 -4.20 28.88
N ALA A 69 8.00 -3.78 27.68
CA ALA A 69 8.33 -2.47 27.15
C ALA A 69 7.04 -1.78 26.75
N THR A 70 7.01 -0.46 26.88
CA THR A 70 5.79 0.30 26.62
C THR A 70 6.08 1.53 25.79
N LEU A 71 5.29 1.71 24.75
CA LEU A 71 5.22 2.93 23.96
C LEU A 71 4.06 3.77 24.48
N THR A 72 4.38 4.95 25.01
CA THR A 72 3.38 5.86 25.56
C THR A 72 3.20 7.04 24.61
N ILE A 73 1.96 7.27 24.19
CA ILE A 73 1.61 8.36 23.27
C ILE A 73 0.70 9.32 24.01
N SER A 74 1.20 10.51 24.30
CA SER A 74 0.44 11.52 25.01
C SER A 74 -0.22 12.48 24.03
N ASN A 75 -1.28 13.13 24.51
CA ASN A 75 -1.98 14.18 23.77
C ASN A 75 -2.33 13.70 22.35
N VAL A 76 -2.97 12.52 22.29
CA VAL A 76 -3.21 11.83 21.04
C VAL A 76 -4.02 12.70 20.06
N VAL A 77 -3.58 12.70 18.81
CA VAL A 77 -4.27 13.40 17.72
C VAL A 77 -4.63 12.36 16.67
N PRO A 78 -5.62 12.64 15.82
CA PRO A 78 -6.00 11.66 14.77
C PRO A 78 -4.85 11.21 13.88
N ALA A 79 -3.81 12.03 13.69
CA ALA A 79 -2.66 11.59 12.91
C ALA A 79 -1.93 10.42 13.53
N ASP A 80 -2.17 10.10 14.80
CA ASP A 80 -1.45 8.99 15.43
C ASP A 80 -2.09 7.64 15.15
N GLU A 81 -3.27 7.61 14.52
CA GLU A 81 -3.88 6.35 14.15
C GLU A 81 -2.98 5.60 13.17
N ALA A 82 -2.65 4.36 13.49
CA ALA A 82 -1.62 3.59 12.79
C ALA A 82 -1.48 2.23 13.48
N ASP A 83 -0.75 1.34 12.83
CA ASP A 83 -0.31 0.10 13.47
C ASP A 83 1.08 0.29 14.09
N TYR A 84 1.27 -0.16 15.33
CA TYR A 84 2.58 -0.05 15.96
C TYR A 84 3.17 -1.42 16.26
N PHE A 85 4.48 -1.55 16.03
CA PHE A 85 5.21 -2.81 16.16
C PHE A 85 6.46 -2.64 17.01
N CYS A 86 6.68 -3.60 17.92
CA CYS A 86 7.93 -3.67 18.68
C CYS A 86 8.86 -4.73 18.08
N GLN A 87 10.14 -4.63 18.45
CA GLN A 87 11.18 -5.44 17.80
C GLN A 87 12.44 -5.47 18.65
N VAL A 88 13.06 -6.66 18.76
CA VAL A 88 14.33 -6.81 19.48
C VAL A 88 15.25 -7.72 18.65
N TRP A 89 16.51 -7.74 19.06
CA TRP A 89 17.54 -8.65 18.56
C TRP A 89 18.03 -9.56 19.68
N ASP A 90 17.93 -10.85 19.45
CA ASP A 90 18.42 -11.87 20.37
C ASP A 90 19.81 -12.31 19.90
N SER A 91 20.85 -11.85 20.59
CA SER A 91 22.22 -12.15 20.20
C SER A 91 22.66 -13.56 20.57
N LYS A 92 21.94 -14.21 21.49
CA LYS A 92 22.20 -15.62 21.78
C LYS A 92 21.81 -16.51 20.61
N TYR A 93 20.57 -16.41 20.17
CA TYR A 93 20.07 -17.27 19.09
C TYR A 93 20.18 -16.59 17.73
N GLU A 94 20.65 -15.35 17.68
CA GLU A 94 20.85 -14.58 16.45
C GLU A 94 19.55 -14.49 15.62
N GLU A 95 18.50 -13.98 16.27
CA GLU A 95 17.22 -13.82 15.60
C GLU A 95 16.64 -12.45 15.92
N ILE A 96 15.98 -11.86 14.92
CA ILE A 96 15.12 -10.70 15.10
C ILE A 96 13.74 -11.19 15.49
N TYR A 97 13.16 -10.62 16.57
CA TYR A 97 11.76 -10.86 16.87
C TYR A 97 10.97 -9.57 16.69
N PHE A 98 9.81 -9.68 16.05
CA PHE A 98 8.83 -8.58 15.99
C PHE A 98 7.64 -8.91 16.88
N GLY A 99 7.01 -7.86 17.41
CA GLY A 99 5.67 -8.03 17.97
C GLY A 99 4.63 -8.24 16.88
N GLY A 100 3.47 -8.71 17.30
CA GLY A 100 2.43 -8.96 16.33
C GLY A 100 1.69 -7.73 15.86
N GLY A 101 1.97 -6.56 16.43
CA GLY A 101 1.35 -5.32 16.00
C GLY A 101 0.11 -4.96 16.81
N THR A 102 -0.07 -3.65 17.00
CA THR A 102 -1.21 -3.09 17.72
C THR A 102 -1.80 -1.97 16.88
N ALA A 103 -3.09 -2.08 16.56
CA ALA A 103 -3.80 -1.03 15.82
C ALA A 103 -4.33 0.01 16.81
N LEU A 104 -3.93 1.26 16.62
CA LEU A 104 -4.43 2.38 17.41
C LEU A 104 -5.41 3.15 16.54
N THR A 105 -6.66 3.28 17.01
CA THR A 105 -7.65 4.12 16.34
C THR A 105 -8.04 5.24 17.27
N VAL A 106 -8.28 6.40 16.69
CA VAL A 106 -8.61 7.61 17.44
C VAL A 106 -10.08 7.89 17.28
N LEU A 107 -10.78 8.03 18.41
CA LEU A 107 -12.22 8.20 18.46
C LEU A 107 -12.59 9.64 18.13
N GLY A 108 -13.89 9.87 17.99
CA GLY A 108 -14.42 11.20 17.78
C GLY A 108 -14.25 11.77 16.40
N GLN A 109 -13.81 10.99 15.42
CA GLN A 109 -13.63 11.54 14.08
C GLN A 109 -15.00 11.81 13.47
N PRO A 110 -15.27 13.01 12.97
CA PRO A 110 -16.61 13.32 12.45
C PRO A 110 -16.88 12.55 11.16
N LYS A 111 -18.16 12.29 10.92
CA LYS A 111 -18.57 11.64 9.67
C LYS A 111 -18.23 12.52 8.47
N ALA A 112 -17.70 11.89 7.41
CA ALA A 112 -17.37 12.56 6.17
C ALA A 112 -18.10 11.90 5.00
N ALA A 113 -18.81 12.71 4.21
CA ALA A 113 -19.64 12.15 3.12
C ALA A 113 -18.77 11.84 1.90
N PRO A 114 -19.08 10.77 1.18
CA PRO A 114 -18.23 10.42 0.02
C PRO A 114 -18.36 11.42 -1.12
N SER A 115 -17.25 11.67 -1.81
CA SER A 115 -17.28 12.27 -3.13
C SER A 115 -17.47 11.13 -4.13
N VAL A 116 -18.39 11.29 -5.07
CA VAL A 116 -18.71 10.24 -6.05
C VAL A 116 -18.55 10.79 -7.46
N THR A 117 -17.74 10.10 -8.28
CA THR A 117 -17.61 10.42 -9.70
C THR A 117 -17.93 9.17 -10.51
N LEU A 118 -18.80 9.32 -11.51
CA LEU A 118 -19.20 8.23 -12.40
C LEU A 118 -18.71 8.52 -13.81
N PHE A 119 -17.89 7.59 -14.38
CA PHE A 119 -17.58 7.82 -15.79
C PHE A 119 -18.30 6.78 -16.65
N PRO A 120 -18.76 7.20 -17.85
CA PRO A 120 -19.34 6.25 -18.82
C PRO A 120 -18.23 5.48 -19.54
N PRO A 121 -18.58 4.44 -20.30
CA PRO A 121 -17.57 3.78 -21.14
C PRO A 121 -16.96 4.79 -22.09
N SER A 122 -15.65 4.66 -22.31
CA SER A 122 -15.01 5.47 -23.32
C SER A 122 -15.34 4.97 -24.72
N SER A 123 -15.30 5.90 -25.66
CA SER A 123 -15.45 5.55 -27.07
C SER A 123 -14.42 4.51 -27.50
N GLU A 124 -13.17 4.63 -27.02
CA GLU A 124 -12.15 3.64 -27.38
C GLU A 124 -12.53 2.26 -26.88
N GLU A 125 -13.04 2.15 -25.65
CA GLU A 125 -13.38 0.83 -25.13
C GLU A 125 -14.51 0.20 -25.93
N LEU A 126 -15.51 1.00 -26.29
CA LEU A 126 -16.59 0.51 -27.13
C LEU A 126 -16.06 -0.01 -28.46
N GLN A 127 -15.05 0.66 -29.02
CA GLN A 127 -14.43 0.16 -30.25
C GLN A 127 -13.74 -1.17 -30.06
N ALA A 128 -13.30 -1.49 -28.83
CA ALA A 128 -12.74 -2.79 -28.51
C ALA A 128 -13.81 -3.80 -28.08
N ASN A 129 -15.10 -3.46 -28.22
CA ASN A 129 -16.23 -4.36 -28.01
C ASN A 129 -16.47 -4.63 -26.52
N LYS A 130 -16.20 -3.64 -25.67
CA LYS A 130 -16.39 -3.75 -24.24
C LYS A 130 -16.94 -2.42 -23.74
N ALA A 131 -17.44 -2.42 -22.51
CA ALA A 131 -18.09 -1.23 -21.96
C ALA A 131 -18.01 -1.33 -20.44
N THR A 132 -17.28 -0.42 -19.82
CA THR A 132 -17.11 -0.43 -18.38
C THR A 132 -17.57 0.92 -17.84
N LEU A 133 -18.49 0.88 -16.89
CA LEU A 133 -18.83 2.09 -16.14
C LEU A 133 -18.07 2.09 -14.84
N VAL A 134 -17.53 3.27 -14.48
CA VAL A 134 -16.58 3.40 -13.39
C VAL A 134 -17.15 4.38 -12.38
N CYS A 135 -17.45 3.89 -11.19
CA CYS A 135 -18.00 4.72 -10.11
C CYS A 135 -16.94 4.81 -9.01
N LEU A 136 -16.36 6.01 -8.80
CA LEU A 136 -15.28 6.22 -7.85
C LEU A 136 -15.79 6.99 -6.63
N ILE A 137 -15.45 6.49 -5.45
CA ILE A 137 -16.05 6.92 -4.19
C ILE A 137 -14.89 7.24 -3.24
N SER A 138 -14.76 8.49 -2.82
CA SER A 138 -13.58 8.82 -1.99
C SER A 138 -13.89 9.77 -0.82
N ASP A 139 -12.93 9.82 0.10
CA ASP A 139 -12.93 10.71 1.29
C ASP A 139 -14.15 10.47 2.16
N PHE A 140 -14.53 9.22 2.38
CA PHE A 140 -15.69 8.98 3.26
C PHE A 140 -15.24 8.39 4.60
N TYR A 141 -16.00 8.73 5.64
CA TYR A 141 -15.73 8.20 6.99
C TYR A 141 -17.06 8.09 7.73
N PRO A 142 -17.42 6.97 8.39
CA PRO A 142 -16.60 5.77 8.55
C PRO A 142 -16.48 4.93 7.27
N GLY A 143 -15.58 3.96 7.25
CA GLY A 143 -15.29 3.23 5.99
C GLY A 143 -16.26 2.11 5.67
N ALA A 144 -17.52 2.42 5.52
CA ALA A 144 -18.55 1.43 5.13
C ALA A 144 -19.48 2.14 4.16
N VAL A 145 -19.68 1.54 3.00
CA VAL A 145 -20.53 2.16 1.99
C VAL A 145 -21.28 1.05 1.26
N THR A 146 -22.48 1.35 0.79
CA THR A 146 -23.28 0.45 -0.04
C THR A 146 -23.33 1.01 -1.45
N VAL A 147 -23.12 0.15 -2.46
CA VAL A 147 -23.14 0.59 -3.85
C VAL A 147 -24.16 -0.24 -4.60
N ALA A 148 -25.11 0.42 -5.27
CA ALA A 148 -26.10 -0.22 -6.11
C ALA A 148 -26.07 0.43 -7.50
N TRP A 149 -26.34 -0.36 -8.54
CA TRP A 149 -26.41 0.15 -9.90
C TRP A 149 -27.81 -0.01 -10.44
N LYS A 150 -28.20 0.90 -11.33
CA LYS A 150 -29.50 0.85 -11.98
C LYS A 150 -29.29 0.88 -13.48
N ALA A 151 -30.09 0.12 -14.21
CA ALA A 151 -30.20 0.22 -15.66
C ALA A 151 -31.56 0.84 -15.93
N ASP A 152 -31.56 2.06 -16.47
CA ASP A 152 -32.76 2.91 -16.38
C ASP A 152 -33.13 3.01 -14.90
N SER A 153 -34.29 2.50 -14.51
CA SER A 153 -34.64 2.49 -13.09
C SER A 153 -34.64 1.08 -12.49
N SER A 154 -34.13 0.09 -13.23
CA SER A 154 -34.14 -1.27 -12.69
C SER A 154 -32.82 -1.63 -12.04
N PRO A 155 -32.88 -2.32 -10.90
CA PRO A 155 -31.63 -2.77 -10.26
C PRO A 155 -30.87 -3.75 -11.14
N VAL A 156 -29.59 -3.44 -11.33
CA VAL A 156 -28.68 -4.31 -12.06
C VAL A 156 -28.35 -5.53 -11.22
N LYS A 157 -28.49 -6.72 -11.81
CA LYS A 157 -28.33 -7.98 -11.09
C LYS A 157 -27.03 -8.70 -11.44
N ALA A 158 -26.21 -8.16 -12.34
CA ALA A 158 -25.05 -8.88 -12.84
C ALA A 158 -24.05 -7.86 -13.37
N GLY A 159 -22.78 -8.23 -13.34
CA GLY A 159 -21.73 -7.44 -13.94
C GLY A 159 -21.04 -6.46 -13.01
N VAL A 160 -21.38 -6.42 -11.73
CA VAL A 160 -20.84 -5.43 -10.79
C VAL A 160 -19.64 -6.03 -10.05
N GLU A 161 -18.54 -5.29 -9.98
CA GLU A 161 -17.39 -5.63 -9.14
C GLU A 161 -17.05 -4.40 -8.30
N THR A 162 -17.02 -4.56 -6.96
CA THR A 162 -16.87 -3.43 -6.04
C THR A 162 -15.79 -3.74 -5.02
N THR A 163 -14.89 -2.78 -4.76
CA THR A 163 -13.82 -3.02 -3.82
C THR A 163 -14.31 -2.91 -2.37
N THR A 164 -13.57 -3.53 -1.48
CA THR A 164 -13.81 -3.19 -0.08
C THR A 164 -13.18 -1.82 0.22
N PRO A 165 -13.77 -1.03 1.12
CA PRO A 165 -13.20 0.29 1.40
C PRO A 165 -11.78 0.19 1.92
N SER A 166 -10.93 1.10 1.45
CA SER A 166 -9.51 1.09 1.75
C SER A 166 -9.16 2.39 2.43
N LYS A 167 -8.48 2.30 3.57
CA LYS A 167 -8.10 3.50 4.32
C LYS A 167 -7.04 4.26 3.54
N GLN A 168 -7.23 5.54 3.35
CA GLN A 168 -6.24 6.33 2.67
C GLN A 168 -5.40 7.11 3.70
N SER A 169 -4.45 7.92 3.19
CA SER A 169 -3.46 8.52 4.08
C SER A 169 -4.08 9.52 5.06
N ASN A 170 -5.22 10.13 4.72
CA ASN A 170 -5.87 11.05 5.64
C ASN A 170 -6.85 10.34 6.60
N ASN A 171 -6.82 9.01 6.62
CA ASN A 171 -7.65 8.15 7.47
C ASN A 171 -9.13 8.19 7.07
N LYS A 172 -9.46 8.79 5.94
CA LYS A 172 -10.76 8.55 5.34
C LYS A 172 -10.63 7.34 4.41
N TYR A 173 -11.73 6.97 3.75
CA TYR A 173 -11.70 5.78 2.93
C TYR A 173 -12.02 6.07 1.48
N ALA A 174 -11.58 5.14 0.62
CA ALA A 174 -11.92 5.13 -0.79
C ALA A 174 -12.41 3.75 -1.22
N ALA A 175 -13.27 3.75 -2.24
CA ALA A 175 -13.73 2.51 -2.86
C ALA A 175 -14.07 2.77 -4.33
N SER A 176 -14.18 1.69 -5.11
CA SER A 176 -14.46 1.78 -6.54
C SER A 176 -15.48 0.70 -6.87
N SER A 177 -16.39 0.99 -7.81
CA SER A 177 -17.30 -0.05 -8.29
C SER A 177 -17.31 -0.02 -9.80
N TYR A 178 -17.22 -1.20 -10.43
CA TYR A 178 -17.19 -1.27 -11.88
C TYR A 178 -18.37 -2.11 -12.38
N LEU A 179 -19.10 -1.57 -13.35
CA LEU A 179 -20.17 -2.29 -14.03
C LEU A 179 -19.73 -2.62 -15.45
N SER A 180 -19.67 -3.93 -15.76
CA SER A 180 -19.27 -4.41 -17.07
C SER A 180 -20.51 -4.69 -17.90
N LEU A 181 -20.57 -4.11 -19.10
CA LEU A 181 -21.69 -4.30 -20.02
C LEU A 181 -21.14 -4.68 -21.38
N THR A 182 -22.01 -5.26 -22.23
CA THR A 182 -21.70 -5.28 -23.65
C THR A 182 -21.97 -3.88 -24.22
N PRO A 183 -21.36 -3.53 -25.35
CA PRO A 183 -21.77 -2.27 -26.01
C PRO A 183 -23.25 -2.24 -26.32
N GLU A 184 -23.85 -3.37 -26.62
CA GLU A 184 -25.27 -3.42 -26.97
C GLU A 184 -26.14 -3.07 -25.77
N GLN A 185 -25.79 -3.60 -24.58
CA GLN A 185 -26.50 -3.23 -23.37
C GLN A 185 -26.36 -1.75 -23.06
N TRP A 186 -25.14 -1.22 -23.20
CA TRP A 186 -24.90 0.20 -22.94
C TRP A 186 -25.75 1.08 -23.85
N LYS A 187 -25.85 0.74 -25.14
CA LYS A 187 -26.56 1.57 -26.10
C LYS A 187 -28.09 1.38 -26.08
N SER A 188 -28.60 0.29 -25.52
CA SER A 188 -30.04 0.01 -25.60
C SER A 188 -30.84 0.51 -24.41
N HIS A 189 -30.19 1.03 -23.37
CA HIS A 189 -30.88 1.65 -22.25
C HIS A 189 -30.77 3.16 -22.36
N ARG A 190 -31.72 3.87 -21.74
CA ARG A 190 -31.65 5.32 -21.72
C ARG A 190 -30.56 5.82 -20.78
N SER A 191 -30.30 5.09 -19.70
CA SER A 191 -29.29 5.53 -18.75
C SER A 191 -28.92 4.38 -17.82
N TYR A 192 -27.80 4.57 -17.14
CA TYR A 192 -27.33 3.75 -16.05
C TYR A 192 -26.94 4.67 -14.89
N SER A 193 -27.11 4.17 -13.68
CA SER A 193 -26.87 4.98 -12.49
C SER A 193 -26.06 4.20 -11.46
N CYS A 194 -25.11 4.89 -10.82
CA CYS A 194 -24.43 4.38 -9.63
C CYS A 194 -25.07 5.06 -8.41
N GLN A 195 -25.60 4.26 -7.46
CA GLN A 195 -26.16 4.77 -6.21
C GLN A 195 -25.25 4.41 -5.06
N VAL A 196 -24.79 5.42 -4.32
CA VAL A 196 -23.86 5.23 -3.19
C VAL A 196 -24.56 5.66 -1.91
N THR A 197 -24.71 4.71 -0.96
CA THR A 197 -25.28 4.98 0.36
C THR A 197 -24.20 4.94 1.43
N HIS A 198 -24.15 5.98 2.25
CA HIS A 198 -23.18 6.09 3.35
C HIS A 198 -23.91 6.71 4.53
N GLU A 199 -23.94 5.98 5.65
CA GLU A 199 -24.53 6.47 6.89
C GLU A 199 -25.97 6.96 6.63
N GLY A 200 -26.69 6.18 5.83
CA GLY A 200 -28.10 6.41 5.59
C GLY A 200 -28.44 7.51 4.59
N SER A 201 -27.47 8.22 4.04
CA SER A 201 -27.73 9.16 2.96
C SER A 201 -27.25 8.55 1.66
N THR A 202 -27.87 8.96 0.55
CA THR A 202 -27.61 8.35 -0.76
C THR A 202 -27.29 9.41 -1.80
N VAL A 203 -26.30 9.14 -2.63
CA VAL A 203 -25.98 9.98 -3.77
C VAL A 203 -26.15 9.07 -4.99
N GLU A 204 -26.82 9.57 -6.01
CA GLU A 204 -27.00 8.82 -7.26
C GLU A 204 -26.49 9.67 -8.41
N LYS A 205 -25.54 9.13 -9.17
CA LYS A 205 -25.06 9.75 -10.40
C LYS A 205 -25.50 8.89 -11.58
N THR A 206 -25.80 9.54 -12.71
CA THR A 206 -26.39 8.87 -13.86
C THR A 206 -25.67 9.30 -15.13
N VAL A 207 -25.41 8.35 -16.03
CA VAL A 207 -24.81 8.63 -17.33
C VAL A 207 -25.65 7.98 -18.41
N ALA A 208 -25.54 8.52 -19.62
CA ALA A 208 -26.35 8.05 -20.75
C ALA A 208 -25.48 7.99 -22.00
N PRO A 209 -25.78 7.06 -22.92
CA PRO A 209 -25.04 7.02 -24.18
C PRO A 209 -25.33 8.26 -25.01
N ALA B 1 19.84 5.52 1.29
CA ALA B 1 18.47 5.05 1.35
C ALA B 1 18.15 4.14 0.15
N PRO B 2 17.21 3.21 0.31
CA PRO B 2 16.92 2.28 -0.79
C PRO B 2 16.01 2.90 -1.83
N LEU B 3 16.34 2.64 -3.10
CA LEU B 3 15.43 2.88 -4.19
C LEU B 3 14.31 1.85 -4.12
N PRO B 4 13.24 2.01 -4.90
CA PRO B 4 12.23 0.96 -4.97
C PRO B 4 12.85 -0.40 -5.28
N GLU B 5 12.45 -1.41 -4.52
CA GLU B 5 13.02 -2.74 -4.66
C GLU B 5 12.59 -3.36 -6.00
N SER B 6 13.44 -4.22 -6.53
CA SER B 6 13.21 -4.85 -7.83
C SER B 6 12.84 -6.32 -7.64
N GLY B 7 11.75 -6.74 -8.28
CA GLY B 7 11.29 -8.10 -8.13
C GLY B 7 10.46 -8.56 -9.31
N PRO B 8 10.02 -9.83 -9.28
CA PRO B 8 9.32 -10.40 -10.44
C PRO B 8 7.82 -10.17 -10.44
N GLY B 9 7.25 -9.66 -9.36
CA GLY B 9 5.80 -9.51 -9.31
C GLY B 9 5.13 -10.80 -8.88
N VAL B 10 5.35 -11.87 -9.65
CA VAL B 10 4.74 -13.16 -9.40
C VAL B 10 5.82 -14.23 -9.46
N VAL B 11 5.73 -15.23 -8.59
CA VAL B 11 6.60 -16.40 -8.59
C VAL B 11 5.71 -17.63 -8.52
N ARG B 12 6.01 -18.65 -9.34
CA ARG B 12 5.23 -19.87 -9.29
C ARG B 12 5.56 -20.67 -8.02
N PRO B 13 4.60 -21.44 -7.51
CA PRO B 13 4.90 -22.37 -6.42
C PRO B 13 6.07 -23.28 -6.78
N THR B 14 7.00 -23.45 -5.84
CA THR B 14 8.25 -24.22 -5.87
C THR B 14 9.33 -23.48 -6.66
N GLY B 15 9.02 -22.33 -7.25
CA GLY B 15 10.00 -21.54 -7.96
C GLY B 15 10.88 -20.75 -7.02
N THR B 16 11.76 -19.94 -7.62
CA THR B 16 12.73 -19.16 -6.87
C THR B 16 12.41 -17.68 -6.98
N LEU B 17 12.31 -17.02 -5.83
CA LEU B 17 12.15 -15.56 -5.75
C LEU B 17 13.51 -14.89 -5.72
N SER B 18 13.67 -13.88 -6.56
CA SER B 18 14.92 -13.13 -6.67
C SER B 18 14.57 -11.65 -6.58
N LEU B 19 15.14 -10.96 -5.60
CA LEU B 19 14.88 -9.56 -5.33
C LEU B 19 16.20 -8.81 -5.34
N THR B 20 16.17 -7.56 -5.80
CA THR B 20 17.36 -6.72 -5.79
C THR B 20 17.02 -5.37 -5.20
N CYS B 21 17.89 -4.90 -4.31
CA CYS B 21 17.80 -3.62 -3.65
C CYS B 21 18.96 -2.76 -4.10
N THR B 22 18.69 -1.52 -4.46
CA THR B 22 19.74 -0.61 -4.89
C THR B 22 19.77 0.59 -3.95
N ALA B 23 20.95 0.89 -3.42
CA ALA B 23 21.08 2.05 -2.55
C ALA B 23 21.26 3.30 -3.40
N ALA B 24 20.57 4.35 -3.02
CA ALA B 24 20.79 5.66 -3.61
C ALA B 24 21.41 6.58 -2.57
N TYR B 25 21.97 7.69 -3.05
CA TYR B 25 22.34 8.80 -2.16
C TYR B 25 23.48 8.41 -1.23
N GLY B 26 24.21 7.36 -1.58
CA GLY B 26 25.30 6.88 -0.75
C GLY B 26 25.68 5.47 -1.12
N SER B 27 26.65 4.94 -0.38
CA SER B 27 27.18 3.60 -0.60
C SER B 27 26.40 2.56 0.18
N ILE B 28 26.39 1.33 -0.34
CA ILE B 28 25.78 0.21 0.38
C ILE B 28 26.78 -0.46 1.31
N SER B 29 28.01 0.02 1.35
CA SER B 29 29.08 -0.64 2.10
C SER B 29 29.32 -0.02 3.48
N ARG B 30 28.46 0.90 3.91
CA ARG B 30 28.65 1.61 5.17
C ARG B 30 27.74 1.10 6.29
N HIS B 31 26.80 0.19 6.00
CA HIS B 31 25.81 -0.26 6.97
C HIS B 31 25.50 -1.73 6.75
N PHE B 32 24.93 -2.35 7.77
CA PHE B 32 24.10 -3.52 7.54
C PHE B 32 22.86 -3.11 6.76
N TRP B 33 22.40 -4.01 5.86
CA TRP B 33 21.20 -3.86 5.07
C TRP B 33 20.44 -5.17 5.19
N GLY B 34 19.11 -5.10 5.29
CA GLY B 34 18.32 -6.28 5.57
C GLY B 34 17.06 -6.37 4.75
N TRP B 35 16.37 -7.50 4.92
CA TRP B 35 15.10 -7.77 4.26
C TRP B 35 14.07 -8.12 5.31
N VAL B 36 12.94 -7.44 5.25
CA VAL B 36 11.79 -7.69 6.13
C VAL B 36 10.55 -7.75 5.25
N ARG B 37 9.74 -8.77 5.43
CA ARG B 37 8.54 -8.86 4.60
C ARG B 37 7.29 -8.56 5.43
N GLN B 38 6.36 -7.89 4.77
CA GLN B 38 5.09 -7.47 5.35
C GLN B 38 4.00 -8.34 4.74
N SER B 39 3.33 -9.11 5.59
CA SER B 39 2.37 -10.09 5.12
C SER B 39 1.08 -9.41 4.65
N PRO B 40 0.23 -10.13 3.91
CA PRO B 40 -1.09 -9.58 3.57
C PRO B 40 -1.90 -9.18 4.79
N GLN B 41 -1.74 -9.85 5.92
CA GLN B 41 -2.42 -9.41 7.14
C GLN B 41 -1.75 -8.20 7.80
N GLY B 42 -0.61 -7.77 7.31
CA GLY B 42 0.02 -6.59 7.83
C GLY B 42 1.06 -6.80 8.92
N THR B 43 1.49 -8.05 9.16
CA THR B 43 2.50 -8.31 10.16
C THR B 43 3.90 -8.27 9.54
N LEU B 44 4.91 -8.16 10.39
CA LEU B 44 6.29 -7.98 9.94
C LEU B 44 7.11 -9.24 10.26
N GLU B 45 7.88 -9.69 9.29
CA GLU B 45 8.75 -10.86 9.50
C GLU B 45 10.13 -10.58 8.92
N TRP B 46 11.13 -10.65 9.78
CA TRP B 46 12.54 -10.53 9.36
C TRP B 46 13.02 -11.76 8.58
N ILE B 47 13.73 -11.50 7.49
CA ILE B 47 14.25 -12.55 6.63
C ILE B 47 15.75 -12.75 6.84
N ALA B 48 16.54 -11.69 6.66
CA ALA B 48 17.98 -11.75 6.78
C ALA B 48 18.54 -10.33 6.71
N HIS B 49 19.79 -10.18 7.16
CA HIS B 49 20.54 -8.96 6.95
C HIS B 49 22.04 -9.29 6.94
N MET B 50 22.82 -8.42 6.31
CA MET B 50 24.24 -8.68 6.14
C MET B 50 24.98 -7.37 5.98
N HIS B 51 26.31 -7.47 6.12
CA HIS B 51 27.28 -6.41 5.86
C HIS B 51 28.23 -6.88 4.77
N HIS B 52 28.65 -5.95 3.89
CA HIS B 52 29.29 -6.35 2.65
C HIS B 52 30.60 -7.10 2.86
N LEU B 53 31.18 -7.00 4.07
CA LEU B 53 32.40 -7.76 4.34
C LEU B 53 32.12 -9.22 4.63
N GLY B 54 30.87 -9.63 4.72
CA GLY B 54 30.57 -11.04 4.75
C GLY B 54 29.75 -11.57 5.91
N VAL B 55 29.52 -10.71 6.91
CA VAL B 55 28.72 -11.14 8.08
C VAL B 55 27.25 -11.18 7.67
N LYS B 56 26.61 -12.32 7.82
CA LYS B 56 25.22 -12.52 7.38
C LYS B 56 24.43 -13.10 8.55
N TYR B 57 23.24 -12.58 8.81
CA TYR B 57 22.30 -13.29 9.72
C TYR B 57 21.03 -13.66 8.96
N VAL B 58 20.65 -14.92 9.03
CA VAL B 58 19.46 -15.43 8.32
C VAL B 58 18.48 -16.01 9.33
N ASN B 59 17.21 -15.72 9.14
CA ASN B 59 16.16 -16.34 9.92
C ASN B 59 16.25 -17.86 9.86
N PRO B 60 16.46 -18.54 10.99
CA PRO B 60 16.66 -20.00 10.96
C PRO B 60 15.53 -20.79 10.31
N SER B 61 14.27 -20.35 10.46
CA SER B 61 13.18 -21.09 9.83
C SER B 61 13.24 -20.99 8.32
N LEU B 62 14.10 -20.13 7.78
CA LEU B 62 14.27 -19.93 6.35
C LEU B 62 15.66 -20.26 5.86
N LYS B 63 16.54 -20.74 6.74
CA LYS B 63 17.96 -20.89 6.40
C LYS B 63 18.17 -21.89 5.27
N ASN B 64 17.38 -22.97 5.23
CA ASN B 64 17.52 -23.98 4.20
C ASN B 64 17.19 -23.48 2.79
N ARG B 65 16.73 -22.24 2.63
CA ARG B 65 16.37 -21.81 1.29
C ARG B 65 16.57 -20.33 1.02
N VAL B 66 17.20 -19.58 1.95
CA VAL B 66 17.50 -18.16 1.76
C VAL B 66 18.97 -18.01 1.37
N SER B 67 19.23 -17.09 0.45
CA SER B 67 20.58 -16.63 0.14
C SER B 67 20.57 -15.11 0.08
N ILE B 68 21.62 -14.48 0.61
CA ILE B 68 21.71 -13.02 0.64
C ILE B 68 23.12 -12.63 0.24
N SER B 69 23.26 -11.57 -0.56
CA SER B 69 24.57 -11.18 -1.06
C SER B 69 24.55 -9.70 -1.39
N MET B 70 25.74 -9.12 -1.49
CA MET B 70 25.91 -7.72 -1.90
C MET B 70 26.91 -7.63 -3.06
N ASP B 71 26.71 -6.59 -3.87
CA ASP B 71 27.67 -6.21 -4.92
C ASP B 71 27.99 -4.73 -4.74
N THR B 72 29.13 -4.45 -4.08
CA THR B 72 29.47 -3.07 -3.76
C THR B 72 29.76 -2.24 -5.01
N SER B 73 30.15 -2.86 -6.11
CA SER B 73 30.39 -2.08 -7.33
C SER B 73 29.09 -1.59 -7.96
N LYS B 74 28.01 -2.33 -7.76
CA LYS B 74 26.68 -1.93 -8.23
C LYS B 74 25.86 -1.26 -7.13
N ASN B 75 26.37 -1.24 -5.90
CA ASN B 75 25.71 -0.60 -4.77
C ASN B 75 24.38 -1.31 -4.49
N GLN B 76 24.40 -2.65 -4.57
CA GLN B 76 23.20 -3.46 -4.56
C GLN B 76 23.29 -4.63 -3.60
N MET B 77 22.12 -5.07 -3.14
CA MET B 77 21.95 -6.26 -2.31
C MET B 77 20.87 -7.11 -2.94
N SER B 78 21.07 -8.43 -2.96
CA SER B 78 20.11 -9.35 -3.52
C SER B 78 19.65 -10.34 -2.46
N LEU B 79 18.43 -10.83 -2.65
CA LEU B 79 17.82 -11.85 -1.82
C LEU B 79 17.33 -12.94 -2.76
N THR B 80 17.65 -14.19 -2.46
CA THR B 80 17.10 -15.33 -3.18
C THR B 80 16.35 -16.21 -2.20
N LEU B 81 15.12 -16.58 -2.56
CA LEU B 81 14.28 -17.44 -1.74
C LEU B 81 13.81 -18.60 -2.63
N LYS B 82 14.32 -19.79 -2.35
CA LYS B 82 14.03 -20.95 -3.17
C LYS B 82 12.79 -21.68 -2.67
N THR B 83 12.23 -22.51 -3.56
CA THR B 83 11.10 -23.40 -3.27
C THR B 83 9.95 -22.62 -2.61
N VAL B 84 9.47 -21.59 -3.30
CA VAL B 84 8.54 -20.68 -2.65
C VAL B 84 7.22 -21.39 -2.40
N THR B 85 6.56 -21.01 -1.32
CA THR B 85 5.27 -21.54 -0.93
C THR B 85 4.29 -20.37 -0.84
N ALA B 86 3.00 -20.70 -0.74
CA ALA B 86 1.96 -19.69 -0.69
C ALA B 86 2.20 -18.66 0.41
N THR B 87 2.73 -19.09 1.56
CA THR B 87 2.94 -18.12 2.64
C THR B 87 4.13 -17.22 2.38
N ASP B 88 4.87 -17.42 1.29
CA ASP B 88 5.90 -16.46 0.93
C ASP B 88 5.33 -15.22 0.24
N ALA B 89 4.04 -15.19 -0.10
CA ALA B 89 3.41 -14.00 -0.67
C ALA B 89 3.38 -12.88 0.35
N ALA B 90 3.94 -11.72 0.00
CA ALA B 90 4.15 -10.62 0.93
C ALA B 90 4.77 -9.46 0.16
N LYS B 91 4.87 -8.33 0.86
CA LYS B 91 5.58 -7.13 0.36
C LYS B 91 6.98 -7.20 0.96
N TYR B 92 8.01 -7.32 0.13
CA TYR B 92 9.39 -7.47 0.62
C TYR B 92 10.09 -6.11 0.66
N HIS B 93 10.52 -5.74 1.85
CA HIS B 93 11.19 -4.44 2.06
C HIS B 93 12.69 -4.62 2.24
N CYS B 94 13.43 -3.78 1.54
CA CYS B 94 14.90 -3.68 1.72
C CYS B 94 15.12 -2.55 2.73
N VAL B 95 15.96 -2.75 3.74
CA VAL B 95 16.11 -1.72 4.82
C VAL B 95 17.59 -1.42 5.14
N ARG B 96 17.92 -0.14 5.24
CA ARG B 96 19.28 0.24 5.68
C ARG B 96 19.18 0.20 7.20
N MET B 97 20.05 -0.54 7.87
CA MET B 97 19.87 -0.73 9.33
C MET B 97 20.91 0.00 10.18
N GLY B 98 20.57 0.24 11.43
CA GLY B 98 21.51 0.71 12.42
C GLY B 98 22.04 -0.50 13.17
N ALA B 99 23.25 -0.38 13.72
CA ALA B 99 23.84 -1.49 14.45
C ALA B 99 24.70 -0.94 15.58
N ARG B 100 24.71 -1.64 16.72
CA ARG B 100 25.55 -1.23 17.84
C ARG B 100 26.15 -2.47 18.48
N MET B 101 27.39 -2.37 18.97
N MET B 101 27.41 -2.33 18.92
CA MET B 101 27.99 -3.44 19.76
CA MET B 101 28.15 -3.32 19.71
C MET B 101 28.65 -2.82 20.99
C MET B 101 28.60 -2.61 21.00
N SER B 102 28.00 -2.94 22.14
CA SER B 102 28.59 -2.56 23.41
C SER B 102 28.64 -3.82 24.26
N ASP B 103 28.33 -3.74 25.55
CA ASP B 103 28.02 -4.97 26.25
C ASP B 103 26.81 -5.67 25.64
N ILE B 104 25.93 -4.92 24.96
CA ILE B 104 24.77 -5.44 24.25
C ILE B 104 24.99 -5.34 22.75
N ALA B 105 24.56 -6.36 22.00
CA ALA B 105 24.45 -6.27 20.55
C ALA B 105 23.04 -5.87 20.15
N PHE B 106 22.92 -5.01 19.14
CA PHE B 106 21.69 -4.31 18.82
C PHE B 106 21.62 -3.96 17.34
N PHE B 107 20.42 -4.12 16.73
CA PHE B 107 20.12 -3.65 15.37
C PHE B 107 18.84 -2.82 15.39
N SER B 108 18.67 -2.05 14.33
CA SER B 108 17.47 -1.22 14.08
C SER B 108 17.20 -1.14 12.57
N PHE B 109 15.93 -1.18 12.18
CA PHE B 109 15.53 -1.04 10.76
C PHE B 109 15.28 0.46 10.55
N GLY B 110 16.33 1.19 10.19
CA GLY B 110 16.27 2.65 10.04
C GLY B 110 15.57 3.25 8.84
N ASP B 111 15.85 2.77 7.63
CA ASP B 111 15.28 3.42 6.42
C ASP B 111 14.70 2.32 5.52
N TRP B 112 13.38 2.25 5.44
CA TRP B 112 12.69 1.15 4.76
C TRP B 112 12.37 1.54 3.32
N GLY B 113 12.65 0.63 2.38
CA GLY B 113 12.17 0.81 1.03
C GLY B 113 10.66 0.67 0.97
N PRO B 114 10.06 1.10 -0.14
CA PRO B 114 8.60 0.99 -0.28
C PRO B 114 8.13 -0.44 -0.33
N GLY B 115 8.99 -1.38 -0.74
CA GLY B 115 8.68 -2.79 -0.75
C GLY B 115 8.30 -3.29 -2.14
N SER B 116 8.62 -4.55 -2.42
CA SER B 116 8.29 -5.17 -3.69
C SER B 116 7.22 -6.23 -3.42
N LEU B 117 6.09 -6.09 -4.08
CA LEU B 117 4.97 -6.97 -3.82
C LEU B 117 5.22 -8.30 -4.54
N VAL B 118 5.05 -9.41 -3.84
CA VAL B 118 5.31 -10.73 -4.40
C VAL B 118 4.03 -11.54 -4.26
N THR B 119 3.53 -12.01 -5.39
CA THR B 119 2.36 -12.88 -5.45
C THR B 119 2.85 -14.27 -5.80
N VAL B 120 2.35 -15.30 -5.12
CA VAL B 120 2.69 -16.68 -5.43
C VAL B 120 1.52 -17.30 -6.18
N SER B 121 1.74 -17.61 -7.46
CA SER B 121 0.67 -18.07 -8.34
C SER B 121 1.28 -18.70 -9.58
N SER B 122 0.55 -19.66 -10.16
CA SER B 122 0.91 -20.27 -11.44
C SER B 122 0.29 -19.56 -12.63
N ALA B 123 -0.58 -18.58 -12.42
CA ALA B 123 -1.12 -17.82 -13.54
C ALA B 123 -0.02 -16.97 -14.17
N SER B 124 -0.16 -16.68 -15.47
CA SER B 124 0.87 -15.91 -16.16
C SER B 124 0.55 -14.42 -16.07
N THR B 125 1.59 -13.59 -16.20
CA THR B 125 1.35 -12.16 -16.16
C THR B 125 0.50 -11.74 -17.36
N LYS B 126 -0.40 -10.79 -17.12
CA LYS B 126 -1.18 -10.17 -18.18
C LYS B 126 -1.00 -8.66 -18.05
N GLY B 127 -0.67 -7.99 -19.15
CA GLY B 127 -0.52 -6.55 -19.10
C GLY B 127 -1.87 -5.85 -19.22
N PRO B 128 -1.94 -4.60 -18.78
CA PRO B 128 -3.23 -3.90 -18.78
C PRO B 128 -3.62 -3.35 -20.14
N SER B 129 -4.93 -3.17 -20.28
CA SER B 129 -5.52 -2.39 -21.39
C SER B 129 -5.83 -1.04 -20.75
N VAL B 130 -5.45 0.06 -21.38
CA VAL B 130 -5.69 1.38 -20.74
C VAL B 130 -6.67 2.18 -21.58
N PHE B 131 -7.68 2.75 -20.93
CA PHE B 131 -8.69 3.57 -21.64
C PHE B 131 -8.82 4.93 -20.96
N PRO B 132 -9.06 6.01 -21.73
CA PRO B 132 -9.16 7.32 -21.16
C PRO B 132 -10.53 7.51 -20.49
N LEU B 133 -10.55 8.22 -19.37
CA LEU B 133 -11.79 8.62 -18.68
C LEU B 133 -11.89 10.11 -18.96
N ALA B 134 -12.65 10.46 -19.99
CA ALA B 134 -12.64 11.83 -20.49
C ALA B 134 -13.19 12.80 -19.45
N PRO B 135 -12.69 14.03 -19.42
CA PRO B 135 -12.98 14.92 -18.30
C PRO B 135 -14.45 15.30 -18.19
N SER B 136 -14.85 15.55 -16.96
CA SER B 136 -16.22 15.92 -16.65
C SER B 136 -16.17 16.87 -15.47
N SER B 137 -16.95 17.93 -15.55
CA SER B 137 -17.05 18.89 -14.46
C SER B 137 -18.31 18.70 -13.63
N LYS B 138 -19.06 17.61 -13.86
CA LYS B 138 -20.29 17.39 -13.12
C LYS B 138 -20.04 17.28 -11.61
N SER B 139 -19.00 16.57 -11.21
CA SER B 139 -18.82 16.19 -9.81
C SER B 139 -17.77 17.00 -9.06
N THR B 140 -17.11 17.95 -9.71
CA THR B 140 -15.96 18.62 -9.12
C THR B 140 -16.31 20.04 -8.71
N SER B 141 -15.44 20.66 -7.91
CA SER B 141 -15.68 22.03 -7.48
C SER B 141 -15.59 22.97 -8.67
N GLY B 142 -16.02 24.22 -8.44
CA GLY B 142 -16.07 25.22 -9.48
C GLY B 142 -14.75 25.43 -10.20
N GLY B 143 -14.82 25.55 -11.52
CA GLY B 143 -13.62 25.74 -12.31
C GLY B 143 -12.72 24.54 -12.40
N THR B 144 -13.10 23.38 -11.86
CA THR B 144 -12.29 22.18 -11.99
C THR B 144 -13.08 21.08 -12.70
N ALA B 145 -12.34 20.03 -13.07
CA ALA B 145 -12.92 18.87 -13.72
C ALA B 145 -12.06 17.66 -13.36
N ALA B 146 -12.67 16.48 -13.45
CA ALA B 146 -12.02 15.21 -13.18
C ALA B 146 -11.82 14.45 -14.49
N LEU B 147 -10.61 13.97 -14.71
CA LEU B 147 -10.32 13.12 -15.86
C LEU B 147 -9.43 11.99 -15.39
N GLY B 148 -9.29 10.94 -16.18
CA GLY B 148 -8.45 9.85 -15.68
C GLY B 148 -8.18 8.76 -16.69
N CYS B 149 -7.64 7.67 -16.19
CA CYS B 149 -7.30 6.46 -16.98
C CYS B 149 -7.82 5.23 -16.27
N LEU B 150 -8.48 4.37 -17.03
CA LEU B 150 -8.95 3.05 -16.58
C LEU B 150 -7.89 2.04 -17.00
N VAL B 151 -7.35 1.34 -15.99
CA VAL B 151 -6.27 0.38 -16.23
C VAL B 151 -6.87 -0.99 -16.00
N LYS B 152 -7.21 -1.72 -17.06
CA LYS B 152 -8.06 -2.91 -16.99
C LYS B 152 -7.27 -4.20 -17.08
N ASP B 153 -7.68 -5.20 -16.28
CA ASP B 153 -7.39 -6.62 -16.53
C ASP B 153 -5.88 -6.93 -16.61
N TYR B 154 -5.16 -6.68 -15.54
CA TYR B 154 -3.73 -7.00 -15.49
C TYR B 154 -3.48 -7.95 -14.34
N PHE B 155 -2.32 -8.60 -14.37
CA PHE B 155 -1.92 -9.50 -13.28
C PHE B 155 -0.42 -9.69 -13.35
N PRO B 156 0.31 -9.73 -12.20
CA PRO B 156 -0.14 -9.44 -10.84
C PRO B 156 -0.09 -7.96 -10.53
N GLU B 157 -0.38 -7.60 -9.27
CA GLU B 157 -0.10 -6.25 -8.77
C GLU B 157 1.40 -6.00 -8.70
N PRO B 158 1.82 -4.73 -8.75
CA PRO B 158 1.02 -3.54 -8.94
C PRO B 158 1.23 -2.98 -10.32
N VAL B 159 0.49 -1.93 -10.62
CA VAL B 159 0.82 -1.02 -11.72
C VAL B 159 1.14 0.29 -11.06
N THR B 160 2.16 0.98 -11.69
CA THR B 160 2.50 2.34 -11.21
C THR B 160 1.88 3.29 -12.20
N VAL B 161 1.47 4.45 -11.72
CA VAL B 161 0.68 5.35 -12.60
C VAL B 161 1.04 6.80 -12.27
N SER B 162 1.65 7.52 -13.23
CA SER B 162 2.04 8.92 -13.04
C SER B 162 1.31 9.75 -14.09
N TRP B 163 1.34 11.06 -13.95
CA TRP B 163 0.68 11.94 -14.89
C TRP B 163 1.70 12.93 -15.42
N ASN B 164 1.69 13.10 -16.73
CA ASN B 164 2.63 13.97 -17.45
C ASN B 164 4.07 13.74 -16.97
N SER B 165 4.45 12.46 -16.92
CA SER B 165 5.82 12.03 -16.63
C SER B 165 6.25 12.43 -15.22
N GLY B 166 5.29 12.56 -14.32
CA GLY B 166 5.54 12.96 -12.95
C GLY B 166 5.47 14.46 -12.72
N ALA B 167 5.30 15.26 -13.77
CA ALA B 167 5.20 16.70 -13.59
C ALA B 167 3.90 17.10 -12.90
N LEU B 168 2.85 16.29 -13.01
CA LEU B 168 1.56 16.57 -12.41
C LEU B 168 1.34 15.62 -11.24
N THR B 169 1.34 16.16 -10.03
CA THR B 169 1.08 15.42 -8.80
C THR B 169 -0.12 15.93 -8.01
N SER B 170 -0.39 17.22 -8.04
CA SER B 170 -1.48 17.79 -7.26
C SER B 170 -2.83 17.27 -7.78
N GLY B 171 -3.68 16.83 -6.86
CA GLY B 171 -4.99 16.35 -7.25
C GLY B 171 -5.03 14.97 -7.90
N VAL B 172 -3.93 14.23 -7.86
CA VAL B 172 -3.91 12.87 -8.40
C VAL B 172 -4.40 11.91 -7.33
N HIS B 173 -5.32 11.02 -7.70
CA HIS B 173 -5.75 9.94 -6.83
C HIS B 173 -5.80 8.65 -7.63
N THR B 174 -4.89 7.74 -7.36
CA THR B 174 -4.92 6.41 -7.94
C THR B 174 -5.58 5.47 -6.92
N PHE B 175 -6.71 4.91 -7.32
CA PHE B 175 -7.57 4.10 -6.48
C PHE B 175 -7.00 2.68 -6.32
N PRO B 176 -7.18 2.07 -5.15
CA PRO B 176 -6.86 0.64 -5.02
C PRO B 176 -7.60 -0.19 -6.07
N ALA B 177 -6.92 -1.23 -6.54
CA ALA B 177 -7.46 -2.09 -7.58
C ALA B 177 -8.61 -2.95 -7.09
N VAL B 178 -9.54 -3.26 -8.00
CA VAL B 178 -10.53 -4.28 -7.73
C VAL B 178 -9.94 -5.60 -8.20
N LEU B 179 -10.17 -6.69 -7.46
CA LEU B 179 -9.72 -8.01 -7.89
C LEU B 179 -10.95 -8.80 -8.31
N GLN B 180 -10.98 -9.16 -9.58
CA GLN B 180 -12.14 -9.73 -10.25
C GLN B 180 -12.18 -11.25 -10.15
N SER B 181 -13.37 -11.83 -10.39
CA SER B 181 -13.51 -13.28 -10.39
C SER B 181 -12.65 -13.95 -11.46
N SER B 182 -12.20 -13.20 -12.46
CA SER B 182 -11.24 -13.68 -13.45
C SER B 182 -9.83 -13.79 -12.90
N GLY B 183 -9.59 -13.35 -11.68
CA GLY B 183 -8.24 -13.34 -11.18
C GLY B 183 -7.41 -12.16 -11.66
N LEU B 184 -8.04 -11.24 -12.38
CA LEU B 184 -7.33 -10.06 -12.93
C LEU B 184 -7.73 -8.79 -12.16
N TYR B 185 -6.84 -7.81 -12.12
CA TYR B 185 -7.04 -6.54 -11.40
C TYR B 185 -7.46 -5.46 -12.39
N SER B 186 -8.28 -4.52 -11.94
CA SER B 186 -8.47 -3.25 -12.67
C SER B 186 -8.37 -2.08 -11.68
N LEU B 187 -7.82 -0.97 -12.12
CA LEU B 187 -7.89 0.22 -11.27
C LEU B 187 -8.15 1.44 -12.12
N SER B 188 -8.39 2.56 -11.44
CA SER B 188 -8.58 3.84 -12.09
C SER B 188 -7.70 4.86 -11.39
N SER B 189 -7.13 5.76 -12.19
CA SER B 189 -6.38 6.89 -11.67
C SER B 189 -7.04 8.14 -12.22
N VAL B 190 -7.37 9.09 -11.35
CA VAL B 190 -8.05 10.30 -11.73
C VAL B 190 -7.29 11.49 -11.19
N VAL B 191 -7.35 12.58 -11.94
CA VAL B 191 -6.75 13.83 -11.51
C VAL B 191 -7.78 14.93 -11.65
N THR B 192 -7.87 15.78 -10.62
CA THR B 192 -8.76 16.93 -10.61
C THR B 192 -7.97 18.16 -11.02
N VAL B 193 -8.41 18.83 -12.08
CA VAL B 193 -7.62 19.89 -12.70
C VAL B 193 -8.53 21.07 -13.01
N PRO B 194 -7.94 22.26 -13.20
CA PRO B 194 -8.76 23.41 -13.61
C PRO B 194 -9.42 23.16 -14.96
N SER B 195 -10.69 23.55 -15.04
CA SER B 195 -11.42 23.46 -16.31
C SER B 195 -10.72 24.24 -17.41
N SER B 196 -10.22 25.44 -17.09
CA SER B 196 -9.54 26.26 -18.09
C SER B 196 -8.28 25.62 -18.64
N SER B 197 -7.76 24.58 -17.99
CA SER B 197 -6.55 23.92 -18.48
C SER B 197 -6.86 22.81 -19.48
N LEU B 198 -8.14 22.55 -19.74
CA LEU B 198 -8.49 21.50 -20.68
C LEU B 198 -8.03 21.84 -22.09
N GLY B 199 -8.02 23.11 -22.45
CA GLY B 199 -7.51 23.49 -23.74
C GLY B 199 -5.99 23.58 -23.77
N THR B 200 -5.40 24.19 -22.74
CA THR B 200 -3.99 24.54 -22.80
C THR B 200 -3.09 23.36 -22.45
N GLN B 201 -3.44 22.61 -21.41
CA GLN B 201 -2.57 21.57 -20.85
C GLN B 201 -3.01 20.22 -21.39
N THR B 202 -2.09 19.46 -21.96
CA THR B 202 -2.38 18.10 -22.35
C THR B 202 -2.15 17.19 -21.14
N TYR B 203 -2.92 16.12 -21.04
CA TYR B 203 -2.87 15.24 -19.86
C TYR B 203 -2.60 13.81 -20.36
N ILE B 204 -1.49 13.26 -19.91
CA ILE B 204 -1.12 11.87 -20.32
C ILE B 204 -0.94 11.04 -19.04
N CYS B 205 -1.63 9.92 -18.96
CA CYS B 205 -1.34 9.01 -17.86
C CYS B 205 -0.27 8.04 -18.31
N ASN B 206 0.75 7.87 -17.46
CA ASN B 206 1.94 7.06 -17.74
C ASN B 206 1.72 5.80 -16.92
N VAL B 207 1.33 4.72 -17.57
CA VAL B 207 1.02 3.47 -16.88
C VAL B 207 2.21 2.54 -17.09
N ASN B 208 2.70 1.93 -16.00
CA ASN B 208 3.83 1.02 -16.06
C ASN B 208 3.45 -0.25 -15.32
N HIS B 209 3.49 -1.38 -16.00
CA HIS B 209 3.23 -2.67 -15.38
C HIS B 209 4.50 -3.50 -15.51
N LYS B 210 5.39 -3.31 -14.53
CA LYS B 210 6.70 -3.95 -14.54
C LYS B 210 6.64 -5.45 -14.70
N PRO B 211 5.77 -6.21 -14.01
CA PRO B 211 5.79 -7.67 -14.18
C PRO B 211 5.64 -8.11 -15.62
N SER B 212 4.86 -7.42 -16.44
CA SER B 212 4.71 -7.79 -17.83
C SER B 212 5.56 -6.95 -18.78
N ASN B 213 6.35 -6.00 -18.26
CA ASN B 213 7.14 -5.09 -19.09
C ASN B 213 6.26 -4.41 -20.15
N THR B 214 5.15 -3.84 -19.69
CA THR B 214 4.22 -3.08 -20.53
C THR B 214 4.19 -1.66 -20.03
N LYS B 215 4.35 -0.69 -20.95
CA LYS B 215 4.15 0.72 -20.62
C LYS B 215 3.15 1.34 -21.59
N VAL B 216 2.30 2.22 -21.09
CA VAL B 216 1.33 2.93 -21.92
C VAL B 216 1.34 4.39 -21.53
N ASP B 217 1.45 5.28 -22.51
CA ASP B 217 1.23 6.72 -22.31
C ASP B 217 -0.08 7.05 -23.03
N LYS B 218 -1.11 7.25 -22.25
CA LYS B 218 -2.44 7.50 -22.80
C LYS B 218 -2.81 8.99 -22.69
N ARG B 219 -3.09 9.59 -23.82
CA ARG B 219 -3.53 10.99 -23.86
C ARG B 219 -5.01 10.98 -23.53
N VAL B 220 -5.42 11.82 -22.59
CA VAL B 220 -6.83 11.89 -22.16
C VAL B 220 -7.41 13.19 -22.67
N GLU B 221 -8.25 13.11 -23.67
CA GLU B 221 -8.77 14.34 -24.25
C GLU B 221 -10.27 14.49 -23.96
N PRO B 222 -10.76 15.73 -23.84
CA PRO B 222 -12.20 15.93 -23.75
C PRO B 222 -12.89 15.45 -25.02
#